data_6TUK
#
_entry.id   6TUK
#
_cell.length_a   142.791
_cell.length_b   142.791
_cell.length_c   142.791
_cell.angle_alpha   90.000
_cell.angle_beta   90.000
_cell.angle_gamma   90.000
#
_symmetry.space_group_name_H-M   'P 41 3 2'
#
loop_
_entity.id
_entity.type
_entity.pdbx_description
1 polymer 'Putative oxidoreductase'
2 non-polymer 'FLAVIN-ADENINE DINUCLEOTIDE'
3 non-polymer (R,R)-2,3-BUTANEDIOL
4 non-polymer 'SULFATE ION'
5 water water
#
_entity_poly.entity_id   1
_entity_poly.type   'polypeptide(L)'
_entity_poly.pdbx_seq_one_letter_code
;MERIVIVGGGLAASRTCEQLRSRGYEGELVMLCAEPHPPYDRPPLSKAALLEEEHDSTFPTDYAQLSVDVRLGVAATGLV
PDARTVQTTDGELSYDALVIATGASPIRLPGPGRQFTVRTVEDAAQLRAELKPGQRVVLVGASWISAEVATAALRRGCSV
TCIEAGPAPLSAALGADVGQRFLPWWSEVDLRLDTGVAEVTETGVQLANGEQVDADVVVTGIGVRPAVDWLSGSGIALDT
GVVVDEHLRTSLPGIYALGDVAVRWSPRWNTRIRVEHWDDAREAARTLAGVLLHDPSSQDPLPVHDPVPYFWSDQFGHKI
QYVGHHSPEDTLVIRGDGTPQWAAAWVDAEGRLTAHLSIDAPRLMIDARMAIAAGARPDEAALRDPQAKLAPP
;
_entity_poly.pdbx_strand_id   B
#
# COMPACT_ATOMS: atom_id res chain seq x y z
N MET A 1 26.26 9.13 -22.46
CA MET A 1 25.55 8.02 -21.74
C MET A 1 24.04 8.25 -21.70
N GLU A 2 23.27 7.18 -21.86
CA GLU A 2 21.83 7.24 -21.68
C GLU A 2 21.51 7.52 -20.21
N ARG A 3 20.35 8.12 -19.97
CA ARG A 3 19.96 8.50 -18.63
C ARG A 3 18.53 8.06 -18.36
N ILE A 4 18.34 7.23 -17.33
CA ILE A 4 17.03 6.90 -16.79
C ILE A 4 16.83 7.72 -15.52
N VAL A 5 15.73 8.47 -15.48
CA VAL A 5 15.37 9.28 -14.31
C VAL A 5 14.21 8.62 -13.58
N ILE A 6 14.37 8.40 -12.29
CA ILE A 6 13.35 7.82 -11.43
C ILE A 6 12.86 8.91 -10.52
N VAL A 7 11.56 9.19 -10.54
CA VAL A 7 10.94 10.20 -9.70
C VAL A 7 10.28 9.52 -8.52
N GLY A 8 10.76 9.83 -7.32
CA GLY A 8 10.29 9.16 -6.13
C GLY A 8 11.42 8.44 -5.45
N GLY A 9 11.30 8.27 -4.15
CA GLY A 9 12.41 7.73 -3.37
C GLY A 9 11.92 6.75 -2.32
N GLY A 10 11.08 5.80 -2.73
CA GLY A 10 10.70 4.72 -1.84
C GLY A 10 11.08 3.35 -2.39
N LEU A 11 10.29 2.33 -2.01
CA LEU A 11 10.59 0.95 -2.36
C LEU A 11 10.68 0.75 -3.86
N ALA A 12 9.70 1.24 -4.61
CA ALA A 12 9.71 1.04 -6.05
C ALA A 12 10.96 1.64 -6.69
N ALA A 13 11.31 2.87 -6.29
CA ALA A 13 12.49 3.52 -6.85
C ALA A 13 13.74 2.73 -6.53
N SER A 14 13.93 2.37 -5.26
CA SER A 14 15.14 1.68 -4.85
C SER A 14 15.26 0.32 -5.54
N ARG A 15 14.17 -0.44 -5.58
CA ARG A 15 14.24 -1.78 -6.15
C ARG A 15 14.43 -1.70 -7.68
N THR A 16 13.86 -0.69 -8.32
CA THR A 16 14.08 -0.55 -9.75
C THR A 16 15.56 -0.32 -10.06
N CYS A 17 16.24 0.48 -9.24
CA CYS A 17 17.68 0.68 -9.40
C CYS A 17 18.42 -0.65 -9.30
N GLU A 18 18.17 -1.43 -8.24
CA GLU A 18 18.84 -2.71 -8.08
C GLU A 18 18.59 -3.60 -9.29
N GLN A 19 17.32 -3.72 -9.70
CA GLN A 19 16.99 -4.59 -10.81
C GLN A 19 17.66 -4.13 -12.09
N LEU A 20 17.60 -2.83 -12.39
CA LEU A 20 18.24 -2.32 -13.61
C LEU A 20 19.72 -2.69 -13.64
N ARG A 21 20.39 -2.63 -12.48
CA ARG A 21 21.81 -2.96 -12.46
C ARG A 21 22.03 -4.47 -12.54
N SER A 22 21.33 -5.23 -11.71
CA SER A 22 21.51 -6.69 -11.74
C SER A 22 21.27 -7.26 -13.14
N ARG A 23 20.45 -6.60 -13.95
CA ARG A 23 20.06 -7.11 -15.25
C ARG A 23 20.83 -6.44 -16.39
N GLY A 24 21.91 -5.74 -16.07
CA GLY A 24 22.87 -5.32 -17.08
C GLY A 24 22.91 -3.86 -17.43
N TYR A 25 21.98 -3.05 -16.90
CA TYR A 25 21.99 -1.64 -17.22
C TYR A 25 23.31 -1.00 -16.82
N GLU A 26 23.94 -0.31 -17.78
CA GLU A 26 25.22 0.34 -17.56
C GLU A 26 25.16 1.85 -17.74
N GLY A 27 23.98 2.41 -17.98
CA GLY A 27 23.84 3.84 -18.19
C GLY A 27 23.69 4.57 -16.87
N GLU A 28 23.39 5.86 -16.99
CA GLU A 28 23.24 6.72 -15.81
C GLU A 28 21.87 6.53 -15.17
N LEU A 29 21.83 6.61 -13.84
CA LEU A 29 20.60 6.50 -13.07
C LEU A 29 20.55 7.67 -12.12
N VAL A 30 19.50 8.47 -12.22
CA VAL A 30 19.25 9.59 -11.32
C VAL A 30 17.93 9.34 -10.61
N MET A 31 17.91 9.52 -9.30
CA MET A 31 16.71 9.31 -8.49
C MET A 31 16.37 10.63 -7.81
N LEU A 32 15.16 11.10 -7.99
CA LEU A 32 14.71 12.37 -7.41
C LEU A 32 13.85 12.03 -6.20
N CYS A 33 14.34 12.36 -5.00
CA CYS A 33 13.67 12.04 -3.74
C CYS A 33 13.14 13.31 -3.12
N ALA A 34 11.81 13.41 -3.00
CA ALA A 34 11.25 14.57 -2.31
C ALA A 34 11.69 14.62 -0.85
N GLU A 35 11.81 13.49 -0.22
CA GLU A 35 12.23 13.46 1.17
C GLU A 35 13.73 13.65 1.25
N PRO A 36 14.19 14.28 2.36
CA PRO A 36 15.64 14.44 2.57
C PRO A 36 16.27 13.20 3.20
N HIS A 37 15.83 12.01 2.81
CA HIS A 37 16.35 10.77 3.35
C HIS A 37 16.52 9.78 2.21
N PRO A 38 17.55 8.93 2.25
CA PRO A 38 17.60 7.80 1.31
C PRO A 38 16.34 6.93 1.45
N PRO A 39 15.91 6.27 0.37
CA PRO A 39 14.68 5.46 0.44
C PRO A 39 14.68 4.49 1.61
N TYR A 40 13.51 4.38 2.23
CA TYR A 40 13.34 3.50 3.37
C TYR A 40 11.98 2.79 3.28
N ASP A 41 11.85 1.72 4.06
CA ASP A 41 10.69 0.84 4.00
C ASP A 41 9.57 1.40 4.87
N ARG A 42 8.35 1.21 4.43
CA ARG A 42 7.20 1.85 5.08
C ARG A 42 6.41 0.92 5.99
N PRO A 43 6.33 -0.39 5.77
CA PRO A 43 5.49 -1.22 6.66
C PRO A 43 5.94 -1.10 8.10
N PRO A 44 7.24 -0.93 8.36
CA PRO A 44 7.67 -0.76 9.76
C PRO A 44 7.22 0.52 10.45
N LEU A 45 6.74 1.52 9.71
CA LEU A 45 6.45 2.80 10.32
C LEU A 45 5.31 2.72 11.34
N SER A 46 4.38 1.79 11.15
CA SER A 46 3.27 1.61 12.07
C SER A 46 3.50 0.40 12.97
N LYS A 47 4.72 -0.13 12.97
CA LYS A 47 5.02 -1.37 13.67
C LYS A 47 6.28 -1.15 14.50
N ALA A 48 7.43 -1.64 14.01
CA ALA A 48 8.67 -1.46 14.76
C ALA A 48 8.95 0.01 15.10
N ALA A 49 8.67 0.93 14.15
CA ALA A 49 9.02 2.35 14.41
C ALA A 49 8.24 2.94 15.61
N LEU A 50 7.12 2.32 15.98
CA LEU A 50 6.34 2.75 17.12
C LEU A 50 6.68 2.01 18.39
N LEU A 51 7.23 0.81 18.30
CA LEU A 51 7.27 -0.11 19.42
C LEU A 51 8.66 -0.59 19.79
N GLU A 52 9.59 -0.67 18.84
CA GLU A 52 10.88 -1.33 19.05
C GLU A 52 11.98 -0.31 19.28
N GLU A 53 13.05 -0.75 19.94
CA GLU A 53 14.19 0.14 20.19
C GLU A 53 14.93 0.49 18.90
N GLU A 54 15.13 -0.49 18.01
CA GLU A 54 15.79 -0.29 16.73
C GLU A 54 14.74 -0.37 15.63
N HIS A 55 14.78 0.59 14.71
CA HIS A 55 13.74 0.65 13.68
C HIS A 55 14.16 1.50 12.48
N ASP A 56 15.44 1.51 12.13
CA ASP A 56 15.90 2.18 10.92
C ASP A 56 15.56 1.31 9.71
N SER A 57 14.58 1.74 8.92
CA SER A 57 14.09 0.92 7.82
C SER A 57 14.71 1.32 6.50
N THR A 58 15.83 2.05 6.52
CA THR A 58 16.51 2.39 5.28
C THR A 58 16.90 1.12 4.53
N PHE A 59 16.69 1.10 3.22
CA PHE A 59 17.05 -0.08 2.46
C PHE A 59 18.57 -0.29 2.43
N PRO A 60 19.02 -1.53 2.29
CA PRO A 60 20.46 -1.78 2.24
C PRO A 60 21.11 -1.35 0.93
N THR A 61 20.33 -0.86 -0.04
CA THR A 61 20.85 -0.54 -1.36
C THR A 61 22.05 0.39 -1.26
N ASP A 62 23.17 -0.02 -1.86
CA ASP A 62 24.38 0.79 -1.88
C ASP A 62 24.39 1.58 -3.19
N TYR A 63 23.97 2.84 -3.13
CA TYR A 63 23.83 3.65 -4.33
C TYR A 63 25.18 4.08 -4.89
N ALA A 64 26.22 4.15 -4.06
CA ALA A 64 27.55 4.46 -4.57
C ALA A 64 28.07 3.32 -5.44
N GLN A 65 27.95 2.08 -4.97
CA GLN A 65 28.43 0.94 -5.74
C GLN A 65 27.58 0.65 -6.97
N LEU A 66 26.32 1.06 -6.97
CA LEU A 66 25.47 0.95 -8.13
C LEU A 66 25.49 2.20 -8.99
N SER A 67 26.39 3.15 -8.69
CA SER A 67 26.51 4.41 -9.43
C SER A 67 25.14 5.04 -9.68
N VAL A 68 24.35 5.18 -8.63
CA VAL A 68 23.06 5.86 -8.69
C VAL A 68 23.25 7.28 -8.15
N ASP A 69 22.85 8.27 -8.93
CA ASP A 69 22.90 9.67 -8.52
C ASP A 69 21.63 9.95 -7.76
N VAL A 70 21.70 9.87 -6.42
CA VAL A 70 20.54 10.08 -5.55
C VAL A 70 20.49 11.55 -5.15
N ARG A 71 19.40 12.21 -5.47
CA ARG A 71 19.22 13.64 -5.21
C ARG A 71 18.13 13.79 -4.15
N LEU A 72 18.53 14.18 -2.95
CA LEU A 72 17.62 14.26 -1.83
C LEU A 72 17.01 15.65 -1.74
N GLY A 73 15.81 15.71 -1.18
CA GLY A 73 15.10 16.98 -1.03
C GLY A 73 14.77 17.66 -2.34
N VAL A 74 14.41 16.88 -3.36
CA VAL A 74 14.07 17.40 -4.68
C VAL A 74 12.79 16.72 -5.14
N ALA A 75 11.75 17.52 -5.38
CA ALA A 75 10.45 16.96 -5.76
C ALA A 75 10.15 17.38 -7.19
N ALA A 76 9.70 16.42 -7.98
CA ALA A 76 9.22 16.76 -9.32
C ALA A 76 7.92 17.56 -9.18
N THR A 77 7.77 18.59 -10.03
CA THR A 77 6.62 19.49 -10.00
C THR A 77 5.94 19.61 -11.35
N GLY A 78 6.51 19.06 -12.42
CA GLY A 78 5.93 19.15 -13.75
C GLY A 78 6.69 18.25 -14.71
N LEU A 79 6.09 18.03 -15.88
CA LEU A 79 6.64 17.11 -16.86
C LEU A 79 6.32 17.63 -18.25
N VAL A 80 7.33 17.69 -19.13
CA VAL A 80 7.18 18.12 -20.51
C VAL A 80 7.63 16.98 -21.39
N PRO A 81 6.73 16.05 -21.74
CA PRO A 81 7.18 14.85 -22.47
C PRO A 81 7.88 15.15 -23.79
N ASP A 82 7.38 16.12 -24.55
CA ASP A 82 7.97 16.39 -25.86
C ASP A 82 9.43 16.86 -25.74
N ALA A 83 9.77 17.54 -24.67
CA ALA A 83 11.15 17.95 -24.41
C ALA A 83 11.94 16.94 -23.59
N ARG A 84 11.30 15.84 -23.17
CA ARG A 84 11.93 14.87 -22.30
C ARG A 84 12.59 15.56 -21.12
N THR A 85 11.85 16.48 -20.50
CA THR A 85 12.35 17.24 -19.37
C THR A 85 11.35 17.19 -18.22
N VAL A 86 11.87 17.02 -17.02
CA VAL A 86 11.09 17.08 -15.79
C VAL A 86 11.41 18.39 -15.10
N GLN A 87 10.37 19.06 -14.58
CA GLN A 87 10.52 20.26 -13.74
C GLN A 87 10.48 19.85 -12.27
N THR A 88 11.32 20.48 -11.46
CA THR A 88 11.45 20.14 -10.05
C THR A 88 11.62 21.41 -9.24
N THR A 89 11.50 21.22 -7.93
CA THR A 89 11.69 22.27 -6.96
C THR A 89 13.12 22.73 -6.94
N ASP A 90 14.02 22.03 -7.63
CA ASP A 90 15.44 22.40 -7.69
C ASP A 90 15.95 22.63 -9.11
N GLY A 91 15.07 22.78 -10.06
CA GLY A 91 15.46 23.04 -11.43
C GLY A 91 15.00 21.94 -12.37
N GLU A 92 15.44 22.04 -13.62
CA GLU A 92 15.02 21.14 -14.69
C GLU A 92 16.09 20.09 -14.94
N LEU A 93 15.66 18.90 -15.38
CA LEU A 93 16.61 17.91 -15.88
C LEU A 93 15.95 17.10 -16.99
N SER A 94 16.75 16.62 -17.92
CA SER A 94 16.26 15.86 -19.05
C SER A 94 16.46 14.38 -18.77
N TYR A 95 15.79 13.56 -19.59
CA TYR A 95 15.84 12.12 -19.43
C TYR A 95 15.72 11.47 -20.80
N ASP A 96 16.23 10.24 -20.88
CA ASP A 96 15.97 9.37 -22.03
C ASP A 96 14.84 8.40 -21.76
N ALA A 97 14.68 7.98 -20.49
CA ALA A 97 13.53 7.23 -20.02
C ALA A 97 13.19 7.74 -18.63
N LEU A 98 11.91 7.73 -18.28
CA LEU A 98 11.43 8.26 -17.02
C LEU A 98 10.56 7.23 -16.30
N VAL A 99 10.79 7.07 -15.00
CA VAL A 99 10.04 6.14 -14.18
C VAL A 99 9.35 6.95 -13.09
N ILE A 100 8.03 6.85 -13.01
CA ILE A 100 7.25 7.55 -12.00
C ILE A 100 7.01 6.58 -10.86
N ALA A 101 7.49 6.92 -9.67
CA ALA A 101 7.39 6.05 -8.50
C ALA A 101 7.18 6.87 -7.23
N THR A 102 6.27 7.83 -7.31
CA THR A 102 6.05 8.80 -6.24
C THR A 102 5.07 8.33 -5.16
N GLY A 103 4.61 7.08 -5.24
CA GLY A 103 3.83 6.53 -4.14
C GLY A 103 2.46 7.17 -3.98
N ALA A 104 1.98 7.25 -2.74
CA ALA A 104 0.67 7.84 -2.44
C ALA A 104 0.75 8.64 -1.16
N SER A 105 -0.17 9.55 -1.00
CA SER A 105 -0.27 10.44 0.15
C SER A 105 -1.50 10.12 0.99
N PRO A 106 -1.43 10.24 2.30
CA PRO A 106 -2.60 9.93 3.13
C PRO A 106 -3.70 10.96 2.97
N ILE A 107 -4.93 10.53 2.94
CA ILE A 107 -6.07 11.43 2.93
C ILE A 107 -6.25 11.94 4.36
N ARG A 108 -6.52 13.24 4.51
CA ARG A 108 -6.72 13.81 5.83
C ARG A 108 -8.05 14.52 5.92
N LEU A 109 -8.48 14.76 7.15
CA LEU A 109 -9.72 15.44 7.39
C LEU A 109 -9.50 16.95 7.37
N PRO A 110 -10.57 17.71 7.13
CA PRO A 110 -10.48 19.17 7.28
C PRO A 110 -10.47 19.51 8.76
N GLY A 111 -10.19 20.78 9.03
CA GLY A 111 -10.18 21.27 10.39
C GLY A 111 -8.85 21.86 10.80
N PRO A 112 -8.84 22.66 11.88
CA PRO A 112 -7.61 23.34 12.29
C PRO A 112 -6.70 22.56 13.24
N GLY A 113 -7.16 21.42 13.77
CA GLY A 113 -6.43 20.79 14.84
C GLY A 113 -5.26 19.94 14.34
N ARG A 114 -4.37 19.60 15.27
CA ARG A 114 -3.25 18.71 14.94
C ARG A 114 -3.77 17.34 14.55
N GLN A 115 -3.27 16.82 13.44
CA GLN A 115 -3.77 15.59 12.85
C GLN A 115 -2.59 14.81 12.30
N PHE A 116 -2.29 13.66 12.90
CA PHE A 116 -1.24 12.77 12.40
C PHE A 116 -1.73 11.88 11.27
N THR A 117 -0.88 11.66 10.28
CA THR A 117 -1.05 10.56 9.34
C THR A 117 0.29 9.85 9.29
N VAL A 118 0.29 8.58 8.93
CA VAL A 118 1.51 7.76 9.01
C VAL A 118 2.04 7.56 7.60
N ARG A 119 3.05 8.32 7.21
CA ARG A 119 3.65 8.12 5.89
C ARG A 119 5.16 8.27 5.90
N THR A 120 5.76 9.03 6.83
CA THR A 120 7.19 9.28 6.81
C THR A 120 7.82 8.85 8.14
N VAL A 121 9.15 8.84 8.18
CA VAL A 121 9.85 8.59 9.45
C VAL A 121 9.57 9.68 10.47
N GLU A 122 9.42 10.92 10.03
CA GLU A 122 9.07 11.99 10.96
C GLU A 122 7.70 11.76 11.59
N ASP A 123 6.71 11.34 10.78
CA ASP A 123 5.38 11.05 11.31
C ASP A 123 5.44 10.00 12.42
N ALA A 124 6.12 8.88 12.17
CA ALA A 124 6.19 7.82 13.17
C ALA A 124 6.91 8.29 14.41
N ALA A 125 8.03 9.02 14.25
CA ALA A 125 8.78 9.44 15.43
C ALA A 125 7.98 10.40 16.30
N GLN A 126 7.30 11.36 15.66
CA GLN A 126 6.52 12.33 16.42
C GLN A 126 5.29 11.68 17.02
N LEU A 127 4.67 10.75 16.28
CA LEU A 127 3.54 10.00 16.85
C LEU A 127 3.96 9.13 18.04
N ARG A 128 5.09 8.43 17.90
CA ARG A 128 5.58 7.63 19.03
C ARG A 128 5.80 8.47 20.28
N ALA A 129 6.37 9.67 20.13
CA ALA A 129 6.60 10.52 21.28
C ALA A 129 5.31 10.92 21.96
N GLU A 130 4.18 10.88 21.25
CA GLU A 130 2.89 11.23 21.84
C GLU A 130 2.13 10.05 22.39
N LEU A 131 2.57 8.83 22.09
CA LEU A 131 1.91 7.62 22.59
C LEU A 131 2.53 7.28 23.94
N LYS A 132 1.92 7.74 25.02
CA LYS A 132 2.42 7.60 26.37
C LYS A 132 1.26 7.37 27.34
N PRO A 133 1.53 6.77 28.49
CA PRO A 133 0.43 6.51 29.42
C PRO A 133 -0.34 7.77 29.77
N GLY A 134 -1.66 7.64 29.83
CA GLY A 134 -2.49 8.77 30.17
C GLY A 134 -2.86 9.66 29.01
N GLN A 135 -2.46 9.32 27.80
CA GLN A 135 -2.83 10.07 26.62
C GLN A 135 -4.08 9.46 25.98
N ARG A 136 -4.99 10.32 25.51
CA ARG A 136 -6.20 9.89 24.83
C ARG A 136 -5.93 10.02 23.33
N VAL A 137 -5.94 8.89 22.64
CA VAL A 137 -5.68 8.78 21.21
C VAL A 137 -7.01 8.53 20.50
N VAL A 138 -7.32 9.34 19.51
CA VAL A 138 -8.50 9.16 18.67
C VAL A 138 -8.01 8.80 17.29
N LEU A 139 -8.46 7.65 16.79
CA LEU A 139 -8.14 7.17 15.46
C LEU A 139 -9.37 7.33 14.57
N VAL A 140 -9.18 7.94 13.42
CA VAL A 140 -10.25 8.13 12.46
C VAL A 140 -10.12 7.05 11.39
N GLY A 141 -11.13 6.20 11.29
CA GLY A 141 -11.12 5.07 10.40
C GLY A 141 -10.63 3.81 11.07
N ALA A 142 -11.40 2.74 10.98
CA ALA A 142 -10.99 1.43 11.49
C ALA A 142 -10.34 0.67 10.34
N SER A 143 -9.17 1.15 9.97
CA SER A 143 -8.41 0.69 8.83
C SER A 143 -7.24 -0.16 9.31
N TRP A 144 -6.51 -0.72 8.34
CA TRP A 144 -5.26 -1.42 8.66
C TRP A 144 -4.31 -0.55 9.52
N ILE A 145 -4.01 0.65 9.03
CA ILE A 145 -3.07 1.52 9.72
C ILE A 145 -3.59 1.88 11.10
N SER A 146 -4.89 2.18 11.20
CA SER A 146 -5.46 2.47 12.51
C SER A 146 -5.34 1.29 13.47
N ALA A 147 -5.62 0.07 12.98
CA ALA A 147 -5.47 -1.13 13.81
C ALA A 147 -4.05 -1.28 14.30
N GLU A 148 -3.08 -1.00 13.42
CA GLU A 148 -1.68 -1.08 13.83
C GLU A 148 -1.32 0.02 14.80
N VAL A 149 -1.77 1.24 14.55
CA VAL A 149 -1.50 2.32 15.48
C VAL A 149 -2.16 2.04 16.83
N ALA A 150 -3.40 1.56 16.80
CA ALA A 150 -4.10 1.19 18.04
C ALA A 150 -3.33 0.17 18.85
N THR A 151 -2.76 -0.85 18.19
CA THR A 151 -1.96 -1.84 18.88
C THR A 151 -0.79 -1.18 19.61
N ALA A 152 -0.07 -0.30 18.93
CA ALA A 152 1.10 0.31 19.56
C ALA A 152 0.67 1.23 20.69
N ALA A 153 -0.43 1.97 20.48
CA ALA A 153 -0.89 2.91 21.50
C ALA A 153 -1.31 2.15 22.75
N LEU A 154 -2.02 1.03 22.59
CA LEU A 154 -2.42 0.24 23.74
C LEU A 154 -1.21 -0.29 24.48
N ARG A 155 -0.21 -0.78 23.75
CA ARG A 155 0.98 -1.30 24.42
C ARG A 155 1.74 -0.21 25.16
N ARG A 156 1.64 1.02 24.72
CA ARG A 156 2.32 2.13 25.38
C ARG A 156 1.42 2.81 26.40
N GLY A 157 0.30 2.21 26.76
CA GLY A 157 -0.53 2.68 27.85
C GLY A 157 -1.56 3.74 27.54
N CYS A 158 -1.80 4.02 26.25
CA CYS A 158 -2.73 5.05 25.84
C CYS A 158 -4.16 4.55 25.98
N SER A 159 -5.09 5.48 26.20
CA SER A 159 -6.52 5.28 25.94
C SER A 159 -6.78 5.49 24.45
N VAL A 160 -7.46 4.54 23.81
CA VAL A 160 -7.67 4.60 22.37
C VAL A 160 -9.16 4.60 22.05
N THR A 161 -9.56 5.55 21.23
CA THR A 161 -10.86 5.62 20.60
C THR A 161 -10.69 5.49 19.10
N CYS A 162 -11.58 4.78 18.43
CA CYS A 162 -11.52 4.66 16.98
C CYS A 162 -12.91 4.86 16.44
N ILE A 163 -13.07 5.81 15.51
CA ILE A 163 -14.36 6.21 14.95
C ILE A 163 -14.40 5.73 13.49
N GLU A 164 -15.39 4.91 13.17
CA GLU A 164 -15.52 4.26 11.87
C GLU A 164 -16.90 4.56 11.32
N ALA A 165 -16.95 5.04 10.08
CA ALA A 165 -18.24 5.31 9.43
C ALA A 165 -18.98 4.04 9.05
N GLY A 166 -18.24 2.97 8.77
CA GLY A 166 -18.83 1.72 8.36
C GLY A 166 -19.34 0.91 9.52
N PRO A 167 -19.94 -0.25 9.20
CA PRO A 167 -20.58 -1.05 10.24
C PRO A 167 -19.64 -1.88 11.09
N ALA A 168 -18.39 -2.08 10.70
CA ALA A 168 -17.48 -2.94 11.44
C ALA A 168 -16.05 -2.54 11.13
N PRO A 169 -15.09 -2.94 11.96
CA PRO A 169 -13.68 -2.71 11.61
C PRO A 169 -13.30 -3.40 10.31
N LEU A 170 -12.45 -2.75 9.54
CA LEU A 170 -11.99 -3.20 8.23
C LEU A 170 -13.14 -3.48 7.29
N SER A 171 -14.31 -2.86 7.51
CA SER A 171 -15.45 -3.12 6.64
C SER A 171 -15.21 -2.61 5.23
N ALA A 172 -14.50 -1.49 5.09
CA ALA A 172 -14.23 -0.95 3.77
C ALA A 172 -13.40 -1.93 2.94
N ALA A 173 -12.44 -2.61 3.56
CA ALA A 173 -11.56 -3.50 2.82
C ALA A 173 -12.10 -4.92 2.71
N LEU A 174 -12.82 -5.40 3.72
CA LEU A 174 -13.21 -6.81 3.79
C LEU A 174 -14.71 -7.03 3.84
N GLY A 175 -15.52 -5.97 4.01
CA GLY A 175 -16.95 -6.13 4.16
C GLY A 175 -17.38 -6.26 5.60
N ALA A 176 -18.69 -6.14 5.80
CA ALA A 176 -19.22 -6.11 7.15
C ALA A 176 -19.19 -7.48 7.80
N ASP A 177 -19.49 -8.53 7.02
CA ASP A 177 -19.54 -9.88 7.61
C ASP A 177 -18.18 -10.26 8.19
N VAL A 178 -17.13 -10.16 7.38
CA VAL A 178 -15.79 -10.53 7.83
C VAL A 178 -15.31 -9.55 8.91
N GLY A 179 -15.38 -8.25 8.63
CA GLY A 179 -14.95 -7.28 9.61
C GLY A 179 -15.60 -7.49 10.97
N GLN A 180 -16.89 -7.82 10.99
CA GLN A 180 -17.57 -8.08 12.24
C GLN A 180 -16.86 -9.16 13.06
N ARG A 181 -16.19 -10.10 12.40
CA ARG A 181 -15.54 -11.18 13.13
C ARG A 181 -14.30 -10.74 13.88
N PHE A 182 -13.79 -9.54 13.59
CA PHE A 182 -12.60 -9.04 14.26
C PHE A 182 -12.92 -8.24 15.51
N LEU A 183 -14.20 -8.04 15.83
CA LEU A 183 -14.54 -7.19 16.96
C LEU A 183 -13.85 -7.59 18.26
N PRO A 184 -13.72 -8.88 18.60
CA PRO A 184 -13.06 -9.21 19.87
C PRO A 184 -11.64 -8.71 19.94
N TRP A 185 -10.97 -8.53 18.79
CA TRP A 185 -9.61 -8.01 18.81
C TRP A 185 -9.61 -6.56 19.25
N TRP A 186 -10.69 -5.83 19.01
CA TRP A 186 -10.78 -4.42 19.37
C TRP A 186 -11.39 -4.20 20.76
N SER A 187 -11.41 -5.25 21.59
CA SER A 187 -12.16 -5.17 22.85
C SER A 187 -11.61 -4.09 23.79
N GLU A 188 -10.32 -3.73 23.64
CA GLU A 188 -9.70 -2.73 24.49
C GLU A 188 -9.73 -1.34 23.88
N VAL A 189 -10.39 -1.19 22.74
CA VAL A 189 -10.51 0.08 22.07
C VAL A 189 -11.93 0.57 22.22
N ASP A 190 -12.09 1.89 22.41
CA ASP A 190 -13.39 2.57 22.37
C ASP A 190 -13.76 2.73 20.90
N LEU A 191 -14.35 1.68 20.35
CA LEU A 191 -14.64 1.59 18.92
C LEU A 191 -16.08 2.05 18.68
N ARG A 192 -16.23 3.09 17.86
CA ARG A 192 -17.54 3.67 17.59
C ARG A 192 -17.85 3.49 16.11
N LEU A 193 -18.79 2.61 15.80
CA LEU A 193 -19.13 2.24 14.45
C LEU A 193 -20.28 3.09 13.94
N ASP A 194 -20.49 3.02 12.63
CA ASP A 194 -21.58 3.75 11.97
C ASP A 194 -21.57 5.21 12.38
N THR A 195 -20.37 5.80 12.45
CA THR A 195 -20.21 7.15 12.95
C THR A 195 -19.24 7.90 12.04
N GLY A 196 -19.71 9.00 11.45
CA GLY A 196 -18.85 9.81 10.62
C GLY A 196 -18.16 10.93 11.42
N VAL A 197 -17.02 11.36 10.89
CA VAL A 197 -16.24 12.44 11.47
C VAL A 197 -16.25 13.62 10.52
N ALA A 198 -16.59 14.80 11.02
CA ALA A 198 -16.65 16.01 10.20
C ALA A 198 -15.30 16.71 10.09
N GLU A 199 -14.57 16.87 11.19
CA GLU A 199 -13.31 17.62 11.15
C GLU A 199 -12.50 17.32 12.39
N VAL A 200 -11.21 17.66 12.30
CA VAL A 200 -10.30 17.64 13.44
C VAL A 200 -10.26 19.03 14.05
N THR A 201 -10.73 19.16 15.29
CA THR A 201 -10.78 20.46 15.95
C THR A 201 -9.50 20.67 16.77
N GLU A 202 -9.38 21.84 17.37
CA GLU A 202 -8.24 22.12 18.23
C GLU A 202 -8.12 21.15 19.40
N THR A 203 -9.24 20.61 19.90
CA THR A 203 -9.23 19.77 21.10
C THR A 203 -9.54 18.31 20.82
N GLY A 204 -9.79 17.94 19.57
CA GLY A 204 -10.10 16.56 19.26
C GLY A 204 -10.70 16.43 17.89
N VAL A 205 -11.83 15.71 17.80
CA VAL A 205 -12.55 15.57 16.54
C VAL A 205 -14.01 15.90 16.79
N GLN A 206 -14.68 16.36 15.74
CA GLN A 206 -16.10 16.63 15.76
C GLN A 206 -16.80 15.61 14.87
N LEU A 207 -17.81 14.94 15.42
CA LEU A 207 -18.54 13.93 14.66
C LEU A 207 -19.50 14.61 13.69
N ALA A 208 -19.99 13.84 12.72
CA ALA A 208 -21.05 14.33 11.84
C ALA A 208 -22.22 14.84 12.64
N ASN A 209 -22.40 14.29 13.85
CA ASN A 209 -23.40 14.79 14.79
C ASN A 209 -23.25 16.27 15.05
N GLY A 210 -22.01 16.78 15.01
CA GLY A 210 -21.67 18.01 15.68
C GLY A 210 -21.14 17.80 17.08
N GLU A 211 -21.32 16.61 17.64
CA GLU A 211 -20.74 16.27 18.93
C GLU A 211 -19.22 16.18 18.83
N GLN A 212 -18.55 16.46 19.95
CA GLN A 212 -17.10 16.47 20.00
C GLN A 212 -16.60 15.27 20.78
N VAL A 213 -15.41 14.80 20.44
CA VAL A 213 -14.72 13.76 21.17
C VAL A 213 -13.31 14.29 21.44
N ASP A 214 -13.00 14.56 22.70
CA ASP A 214 -11.71 15.15 23.05
C ASP A 214 -10.60 14.15 22.81
N ALA A 215 -9.40 14.66 22.53
CA ALA A 215 -8.26 13.79 22.27
C ALA A 215 -6.98 14.58 22.51
N ASP A 216 -5.95 13.87 23.01
CA ASP A 216 -4.61 14.43 23.06
C ASP A 216 -3.87 14.22 21.76
N VAL A 217 -4.26 13.22 20.99
CA VAL A 217 -3.59 12.83 19.75
C VAL A 217 -4.64 12.34 18.79
N VAL A 218 -4.66 12.86 17.57
CA VAL A 218 -5.57 12.40 16.53
C VAL A 218 -4.73 11.83 15.41
N VAL A 219 -5.07 10.62 14.98
CA VAL A 219 -4.40 9.92 13.91
C VAL A 219 -5.46 9.53 12.88
N THR A 220 -5.31 9.96 11.64
CA THR A 220 -6.29 9.68 10.59
C THR A 220 -5.79 8.59 9.67
N GLY A 221 -6.60 7.53 9.51
CA GLY A 221 -6.29 6.41 8.65
C GLY A 221 -7.46 6.07 7.75
N ILE A 222 -7.73 6.92 6.77
CA ILE A 222 -8.89 6.72 5.90
C ILE A 222 -8.48 6.58 4.44
N GLY A 223 -7.29 6.09 4.20
CA GLY A 223 -6.84 5.76 2.86
C GLY A 223 -5.75 6.69 2.35
N VAL A 224 -5.34 6.41 1.12
CA VAL A 224 -4.27 7.15 0.46
C VAL A 224 -4.67 7.45 -0.98
N ARG A 225 -4.07 8.51 -1.52
CA ARG A 225 -4.29 8.89 -2.91
C ARG A 225 -2.96 9.01 -3.65
N PRO A 226 -2.82 8.39 -4.82
CA PRO A 226 -1.57 8.51 -5.58
C PRO A 226 -1.09 9.95 -5.69
N ALA A 227 0.22 10.11 -5.63
CA ALA A 227 0.85 11.42 -5.66
C ALA A 227 1.15 11.78 -7.12
N VAL A 228 0.16 12.38 -7.79
CA VAL A 228 0.22 12.62 -9.23
C VAL A 228 -0.09 14.05 -9.60
N ASP A 229 -0.33 14.91 -8.63
CA ASP A 229 -0.70 16.28 -8.97
C ASP A 229 0.39 17.00 -9.76
N TRP A 230 1.65 16.58 -9.60
CA TRP A 230 2.71 17.17 -10.41
C TRP A 230 2.61 16.83 -11.89
N LEU A 231 1.85 15.80 -12.25
CA LEU A 231 1.66 15.40 -13.64
C LEU A 231 0.56 16.18 -14.34
N SER A 232 -0.17 17.04 -13.63
CA SER A 232 -1.16 17.90 -14.26
C SER A 232 -0.57 18.63 -15.46
N GLY A 233 -1.28 18.56 -16.59
CA GLY A 233 -0.89 19.27 -17.78
C GLY A 233 0.10 18.55 -18.66
N SER A 234 0.63 17.42 -18.21
CA SER A 234 1.61 16.69 -19.01
C SER A 234 0.97 15.89 -20.12
N GLY A 235 -0.33 15.69 -20.05
CA GLY A 235 -1.02 14.85 -21.02
C GLY A 235 -0.94 13.37 -20.73
N ILE A 236 -0.34 12.97 -19.61
CA ILE A 236 -0.27 11.57 -19.25
C ILE A 236 -1.64 11.11 -18.78
N ALA A 237 -1.97 9.85 -19.08
CA ALA A 237 -3.26 9.29 -18.71
C ALA A 237 -3.33 9.05 -17.21
N LEU A 238 -4.33 9.65 -16.57
CA LEU A 238 -4.50 9.54 -15.13
C LEU A 238 -5.91 9.07 -14.81
N ASP A 239 -6.06 8.31 -13.72
CA ASP A 239 -7.34 7.81 -13.26
C ASP A 239 -7.20 7.49 -11.77
N THR A 240 -7.05 8.53 -10.95
CA THR A 240 -6.68 8.38 -9.55
C THR A 240 -5.41 7.53 -9.44
N GLY A 241 -4.38 8.01 -10.10
CA GLY A 241 -3.15 7.25 -10.27
C GLY A 241 -2.69 7.28 -11.71
N VAL A 242 -1.43 6.93 -11.96
CA VAL A 242 -0.92 6.87 -13.32
C VAL A 242 -1.37 5.56 -13.95
N VAL A 243 -2.08 5.64 -15.08
CA VAL A 243 -2.55 4.42 -15.75
C VAL A 243 -1.38 3.76 -16.47
N VAL A 244 -1.14 2.48 -16.17
CA VAL A 244 -0.13 1.71 -16.86
C VAL A 244 -0.79 0.45 -17.38
N ASP A 245 -0.17 -0.13 -18.40
CA ASP A 245 -0.55 -1.45 -18.88
C ASP A 245 0.17 -2.52 -18.07
N GLU A 246 -0.02 -3.78 -18.42
CA GLU A 246 0.59 -4.90 -17.73
C GLU A 246 2.11 -4.87 -17.80
N HIS A 247 2.68 -4.01 -18.64
CA HIS A 247 4.13 -3.84 -18.74
C HIS A 247 4.64 -2.56 -18.08
N LEU A 248 3.81 -1.92 -17.27
CA LEU A 248 4.17 -0.72 -16.51
C LEU A 248 4.48 0.48 -17.41
N ARG A 249 4.01 0.44 -18.66
CA ARG A 249 4.16 1.57 -19.57
C ARG A 249 2.98 2.51 -19.37
N THR A 250 3.27 3.81 -19.27
CA THR A 250 2.21 4.80 -19.22
C THR A 250 1.71 5.05 -20.64
N SER A 251 0.80 6.03 -20.79
CA SER A 251 0.28 6.41 -22.10
C SER A 251 1.33 7.11 -22.96
N LEU A 252 2.48 7.46 -22.42
CA LEU A 252 3.48 8.22 -23.17
C LEU A 252 4.73 7.38 -23.34
N PRO A 253 5.29 7.33 -24.56
CA PRO A 253 6.45 6.47 -24.78
C PRO A 253 7.65 6.91 -23.95
N GLY A 254 8.41 5.94 -23.48
CA GLY A 254 9.58 6.23 -22.68
C GLY A 254 9.28 6.58 -21.23
N ILE A 255 8.02 6.58 -20.83
CA ILE A 255 7.62 6.93 -19.47
C ILE A 255 6.88 5.73 -18.86
N TYR A 256 7.26 5.36 -17.64
CA TYR A 256 6.78 4.17 -16.96
C TYR A 256 6.33 4.58 -15.56
N ALA A 257 5.55 3.71 -14.92
CA ALA A 257 5.13 3.96 -13.55
C ALA A 257 4.84 2.63 -12.85
N LEU A 258 5.01 2.63 -11.53
CA LEU A 258 4.82 1.41 -10.74
C LEU A 258 4.62 1.79 -9.27
N GLY A 259 4.12 0.82 -8.49
CA GLY A 259 3.94 1.05 -7.07
C GLY A 259 2.64 1.74 -6.71
N ASP A 260 2.65 2.36 -5.53
CA ASP A 260 1.42 2.96 -5.02
C ASP A 260 0.87 4.05 -5.93
N VAL A 261 1.70 4.67 -6.79
CA VAL A 261 1.22 5.73 -7.67
C VAL A 261 0.44 5.23 -8.88
N ALA A 262 0.50 3.93 -9.18
CA ALA A 262 0.09 3.39 -10.46
C ALA A 262 -1.26 2.69 -10.36
N VAL A 263 -2.04 2.82 -11.41
CA VAL A 263 -3.29 2.09 -11.60
C VAL A 263 -3.08 1.24 -12.85
N ARG A 264 -3.29 -0.06 -12.70
CA ARG A 264 -2.89 -1.04 -13.69
C ARG A 264 -4.07 -1.86 -14.20
N TRP A 265 -4.20 -1.94 -15.53
CA TRP A 265 -5.14 -2.88 -16.09
C TRP A 265 -4.65 -4.30 -15.80
N SER A 266 -5.55 -5.17 -15.36
CA SER A 266 -5.22 -6.56 -15.06
C SER A 266 -6.06 -7.45 -15.96
N PRO A 267 -5.44 -8.16 -16.92
CA PRO A 267 -6.19 -9.18 -17.67
C PRO A 267 -6.83 -10.17 -16.74
N ARG A 268 -6.14 -10.54 -15.66
CA ARG A 268 -6.64 -11.59 -14.78
C ARG A 268 -7.96 -11.18 -14.15
N TRP A 269 -7.99 -10.00 -13.53
CA TRP A 269 -9.17 -9.55 -12.80
C TRP A 269 -10.17 -8.77 -13.65
N ASN A 270 -9.84 -8.48 -14.92
CA ASN A 270 -10.77 -7.80 -15.83
C ASN A 270 -11.16 -6.42 -15.32
N THR A 271 -10.23 -5.72 -14.69
CA THR A 271 -10.48 -4.35 -14.26
C THR A 271 -9.15 -3.66 -14.00
N ARG A 272 -9.21 -2.38 -13.63
CA ARG A 272 -8.04 -1.65 -13.19
C ARG A 272 -7.91 -1.86 -11.68
N ILE A 273 -6.72 -2.21 -11.23
CA ILE A 273 -6.48 -2.46 -9.81
C ILE A 273 -5.57 -1.38 -9.27
N ARG A 274 -5.92 -0.86 -8.08
CA ARG A 274 -5.22 0.23 -7.39
C ARG A 274 -4.92 -0.35 -6.01
N VAL A 275 -3.94 -1.25 -5.96
CA VAL A 275 -3.65 -2.02 -4.76
C VAL A 275 -2.35 -1.49 -4.18
N GLU A 276 -2.45 -0.68 -3.13
CA GLU A 276 -1.29 -0.14 -2.44
C GLU A 276 -0.71 -1.20 -1.52
N HIS A 277 0.09 -2.11 -2.10
CA HIS A 277 0.68 -3.23 -1.40
C HIS A 277 2.19 -3.24 -1.56
N TRP A 278 2.90 -3.59 -0.48
CA TRP A 278 4.35 -3.72 -0.51
C TRP A 278 4.78 -4.67 -1.62
N ASP A 279 4.23 -5.89 -1.63
CA ASP A 279 4.70 -6.91 -2.55
C ASP A 279 4.50 -6.52 -4.00
N ASP A 280 3.41 -5.80 -4.29
CA ASP A 280 3.13 -5.43 -5.68
C ASP A 280 4.13 -4.40 -6.21
N ALA A 281 4.47 -3.41 -5.41
CA ALA A 281 5.52 -2.48 -5.79
C ALA A 281 6.84 -3.21 -5.99
N ARG A 282 7.23 -4.06 -5.04
CA ARG A 282 8.53 -4.74 -5.17
C ARG A 282 8.59 -5.60 -6.43
N GLU A 283 7.55 -6.39 -6.69
CA GLU A 283 7.59 -7.28 -7.83
C GLU A 283 7.58 -6.51 -9.14
N ALA A 284 6.85 -5.39 -9.18
CA ALA A 284 6.76 -4.63 -10.41
C ALA A 284 8.12 -4.10 -10.85
N ALA A 285 9.01 -3.84 -9.91
CA ALA A 285 10.32 -3.28 -10.26
C ALA A 285 11.13 -4.27 -11.09
N ARG A 286 11.00 -5.57 -10.83
CA ARG A 286 11.70 -6.54 -11.67
C ARG A 286 11.14 -6.56 -13.08
N THR A 287 9.80 -6.57 -13.21
CA THR A 287 9.20 -6.51 -14.53
C THR A 287 9.62 -5.25 -15.27
N LEU A 288 9.53 -4.10 -14.60
CA LEU A 288 9.88 -2.84 -15.23
C LEU A 288 11.31 -2.86 -15.75
N ALA A 289 12.24 -3.39 -14.95
CA ALA A 289 13.62 -3.48 -15.42
C ALA A 289 13.72 -4.33 -16.68
N GLY A 290 13.01 -5.46 -16.71
CA GLY A 290 13.02 -6.28 -17.91
C GLY A 290 12.43 -5.55 -19.10
N VAL A 291 11.39 -4.76 -18.88
CA VAL A 291 10.80 -4.01 -19.98
C VAL A 291 11.78 -2.97 -20.52
N LEU A 292 12.41 -2.21 -19.63
CA LEU A 292 13.29 -1.14 -20.08
C LEU A 292 14.49 -1.68 -20.84
N LEU A 293 14.98 -2.86 -20.47
CA LEU A 293 16.18 -3.43 -21.07
C LEU A 293 15.87 -4.42 -22.18
N HIS A 294 14.63 -4.45 -22.65
CA HIS A 294 14.25 -5.33 -23.74
C HIS A 294 15.02 -4.97 -25.00
N ASP A 295 15.94 -5.85 -25.42
CA ASP A 295 16.68 -5.65 -26.65
C ASP A 295 15.71 -5.56 -27.83
N PRO A 296 15.73 -4.49 -28.62
CA PRO A 296 14.78 -4.41 -29.75
C PRO A 296 15.00 -5.48 -30.81
N SER A 297 16.25 -5.89 -31.02
CA SER A 297 16.52 -6.94 -32.01
C SER A 297 16.07 -8.32 -31.53
N SER A 298 15.85 -8.48 -30.22
CA SER A 298 15.34 -9.74 -29.70
C SER A 298 13.87 -9.92 -30.06
N GLN A 299 13.45 -11.19 -30.14
CA GLN A 299 12.07 -11.53 -30.47
C GLN A 299 11.28 -12.07 -29.29
N ASP A 300 11.80 -11.91 -28.06
CA ASP A 300 11.12 -12.42 -26.88
C ASP A 300 9.96 -11.53 -26.49
N PRO A 301 9.01 -12.07 -25.75
CA PRO A 301 7.87 -11.25 -25.33
C PRO A 301 8.22 -10.26 -24.23
N LEU A 302 7.41 -9.22 -24.13
CA LEU A 302 7.68 -8.14 -23.16
C LEU A 302 7.22 -8.57 -21.76
N PRO A 303 8.08 -8.46 -20.75
CA PRO A 303 7.71 -8.93 -19.40
C PRO A 303 6.36 -8.36 -18.95
N VAL A 304 5.64 -9.17 -18.18
CA VAL A 304 4.29 -8.84 -17.71
C VAL A 304 4.29 -8.81 -16.19
N HIS A 305 3.50 -7.89 -15.63
CA HIS A 305 3.26 -7.80 -14.19
C HIS A 305 1.76 -7.92 -13.97
N ASP A 306 1.30 -9.11 -13.53
CA ASP A 306 -0.12 -9.31 -13.24
C ASP A 306 -0.21 -10.38 -12.16
N PRO A 307 0.40 -10.17 -11.01
CA PRO A 307 0.43 -11.20 -9.97
C PRO A 307 -0.91 -11.24 -9.23
N VAL A 308 -1.07 -12.30 -8.44
CA VAL A 308 -2.13 -12.37 -7.45
C VAL A 308 -1.70 -11.48 -6.30
N PRO A 309 -2.45 -10.41 -6.00
CA PRO A 309 -1.96 -9.45 -4.99
C PRO A 309 -1.82 -10.09 -3.61
N TYR A 310 -0.87 -9.56 -2.82
CA TYR A 310 -0.66 -10.03 -1.46
C TYR A 310 -0.50 -8.84 -0.54
N PHE A 311 -1.11 -8.95 0.65
CA PHE A 311 -1.04 -7.89 1.64
C PHE A 311 -1.03 -8.56 3.00
N TRP A 312 -0.38 -7.92 3.99
CA TRP A 312 -0.44 -8.42 5.36
C TRP A 312 -0.56 -7.25 6.33
N SER A 313 -0.98 -7.58 7.56
CA SER A 313 -1.10 -6.59 8.61
C SER A 313 -0.75 -7.27 9.92
N ASP A 314 0.00 -6.59 10.77
CA ASP A 314 0.34 -7.02 12.12
C ASP A 314 -0.45 -6.15 13.08
N GLN A 315 -1.45 -6.75 13.74
CA GLN A 315 -2.29 -5.97 14.64
C GLN A 315 -2.79 -6.85 15.75
N PHE A 316 -2.88 -6.25 16.94
CA PHE A 316 -3.41 -6.90 18.11
C PHE A 316 -2.72 -8.22 18.40
N GLY A 317 -1.44 -8.31 18.07
CA GLY A 317 -0.67 -9.49 18.42
C GLY A 317 -0.79 -10.59 17.42
N HIS A 318 -1.48 -10.37 16.32
CA HIS A 318 -1.74 -11.42 15.32
C HIS A 318 -1.23 -10.96 13.97
N LYS A 319 -1.20 -11.88 13.03
CA LYS A 319 -0.74 -11.63 11.66
C LYS A 319 -1.87 -11.99 10.72
N ILE A 320 -2.30 -11.02 9.92
CA ILE A 320 -3.35 -11.22 8.94
C ILE A 320 -2.71 -11.27 7.56
N GLN A 321 -3.05 -12.30 6.78
CA GLN A 321 -2.56 -12.44 5.41
C GLN A 321 -3.78 -12.37 4.50
N TYR A 322 -3.68 -11.56 3.44
CA TYR A 322 -4.77 -11.41 2.48
C TYR A 322 -4.18 -11.63 1.09
N VAL A 323 -4.78 -12.50 0.31
CA VAL A 323 -4.32 -12.71 -1.07
C VAL A 323 -5.52 -12.63 -2.02
N GLY A 324 -5.32 -12.02 -3.17
CA GLY A 324 -6.35 -11.98 -4.18
C GLY A 324 -6.97 -10.60 -4.33
N HIS A 325 -8.17 -10.60 -4.92
CA HIS A 325 -8.88 -9.36 -5.27
C HIS A 325 -10.36 -9.73 -5.37
N HIS A 326 -11.08 -9.57 -4.28
CA HIS A 326 -12.50 -9.90 -4.26
C HIS A 326 -13.34 -8.66 -4.51
N SER A 327 -14.48 -8.87 -5.12
CA SER A 327 -15.48 -7.84 -5.38
C SER A 327 -16.59 -7.93 -4.35
N PRO A 328 -17.30 -6.83 -4.09
CA PRO A 328 -18.53 -6.94 -3.28
C PRO A 328 -19.53 -7.88 -3.91
N GLU A 329 -19.39 -8.17 -5.21
CA GLU A 329 -20.27 -9.11 -5.90
C GLU A 329 -19.89 -10.57 -5.64
N ASP A 330 -18.69 -10.82 -5.14
CA ASP A 330 -18.26 -12.18 -4.89
C ASP A 330 -18.98 -12.77 -3.69
N THR A 331 -18.97 -14.10 -3.60
CA THR A 331 -19.64 -14.81 -2.51
C THR A 331 -18.63 -15.10 -1.40
N LEU A 332 -18.98 -14.71 -0.19
CA LEU A 332 -18.14 -14.98 0.97
C LEU A 332 -18.43 -16.37 1.53
N VAL A 333 -17.37 -17.16 1.74
CA VAL A 333 -17.50 -18.48 2.35
C VAL A 333 -16.51 -18.49 3.51
N ILE A 334 -17.02 -18.57 4.73
CA ILE A 334 -16.14 -18.67 5.90
C ILE A 334 -15.62 -20.09 6.02
N ARG A 335 -14.32 -20.26 6.21
CA ARG A 335 -13.73 -21.56 6.45
C ARG A 335 -13.60 -21.76 7.95
N GLY A 336 -13.99 -22.93 8.42
CA GLY A 336 -13.90 -23.20 9.85
C GLY A 336 -14.76 -22.28 10.67
N ASP A 337 -15.96 -21.97 10.18
CA ASP A 337 -16.87 -21.11 10.91
C ASP A 337 -17.22 -21.74 12.24
N GLY A 338 -17.20 -20.92 13.29
CA GLY A 338 -17.46 -21.40 14.62
C GLY A 338 -16.27 -21.97 15.35
N THR A 339 -15.08 -21.90 14.77
CA THR A 339 -13.87 -22.39 15.38
C THR A 339 -12.87 -21.23 15.46
N PRO A 340 -11.90 -21.31 16.35
CA PRO A 340 -10.88 -20.23 16.42
C PRO A 340 -9.99 -20.16 15.19
N GLN A 341 -9.91 -21.23 14.39
CA GLN A 341 -9.03 -21.27 13.23
C GLN A 341 -9.72 -20.82 11.93
N TRP A 342 -10.75 -20.01 12.04
CA TRP A 342 -11.52 -19.63 10.87
C TRP A 342 -10.66 -18.81 9.89
N ALA A 343 -11.06 -18.86 8.63
CA ALA A 343 -10.50 -18.05 7.57
C ALA A 343 -11.65 -17.63 6.66
N ALA A 344 -11.34 -16.77 5.68
CA ALA A 344 -12.36 -16.27 4.77
C ALA A 344 -11.94 -16.47 3.31
N ALA A 345 -12.86 -17.01 2.52
CA ALA A 345 -12.65 -17.19 1.09
C ALA A 345 -13.74 -16.44 0.34
N TRP A 346 -13.39 -15.96 -0.86
CA TRP A 346 -14.35 -15.35 -1.78
C TRP A 346 -14.29 -16.08 -3.11
N VAL A 347 -15.46 -16.40 -3.68
CA VAL A 347 -15.56 -17.04 -4.98
C VAL A 347 -16.53 -16.25 -5.84
N ASP A 348 -16.30 -16.30 -7.15
CA ASP A 348 -17.15 -15.63 -8.12
C ASP A 348 -18.32 -16.53 -8.51
N ALA A 349 -19.17 -16.01 -9.40
CA ALA A 349 -20.37 -16.74 -9.79
C ALA A 349 -20.08 -18.10 -10.41
N GLU A 350 -18.84 -18.33 -10.86
CA GLU A 350 -18.44 -19.59 -11.46
C GLU A 350 -17.73 -20.48 -10.47
N GLY A 351 -17.65 -20.08 -9.21
CA GLY A 351 -16.97 -20.86 -8.20
C GLY A 351 -15.47 -20.70 -8.14
N ARG A 352 -14.91 -19.77 -8.91
CA ARG A 352 -13.48 -19.57 -8.89
C ARG A 352 -13.04 -18.76 -7.68
N LEU A 353 -12.00 -19.23 -6.99
CA LEU A 353 -11.51 -18.53 -5.81
C LEU A 353 -10.88 -17.22 -6.24
N THR A 354 -11.40 -16.11 -5.69
CA THR A 354 -10.90 -14.78 -6.01
C THR A 354 -10.05 -14.15 -4.92
N ALA A 355 -10.23 -14.55 -3.65
CA ALA A 355 -9.46 -13.96 -2.56
C ALA A 355 -9.52 -14.86 -1.35
N HIS A 356 -8.60 -14.64 -0.42
CA HIS A 356 -8.52 -15.47 0.77
C HIS A 356 -7.86 -14.70 1.89
N LEU A 357 -8.42 -14.78 3.09
CA LEU A 357 -7.94 -14.10 4.27
C LEU A 357 -7.64 -15.13 5.34
N SER A 358 -6.42 -15.14 5.87
CA SER A 358 -6.03 -16.05 6.94
C SER A 358 -5.40 -15.27 8.08
N ILE A 359 -5.39 -15.89 9.23
CA ILE A 359 -4.86 -15.32 10.46
C ILE A 359 -3.82 -16.28 11.01
N ASP A 360 -2.60 -15.78 11.17
CA ASP A 360 -1.49 -16.57 11.71
C ASP A 360 -1.32 -17.91 10.99
N ALA A 361 -1.55 -17.96 9.68
CA ALA A 361 -1.61 -19.25 8.98
C ALA A 361 -1.15 -19.07 7.55
N PRO A 362 0.13 -18.75 7.36
CA PRO A 362 0.58 -18.48 5.99
C PRO A 362 0.52 -19.70 5.08
N ARG A 363 0.60 -20.92 5.63
CA ARG A 363 0.43 -22.10 4.79
C ARG A 363 -0.91 -22.05 4.06
N LEU A 364 -1.95 -21.55 4.75
CA LEU A 364 -3.27 -21.43 4.13
C LEU A 364 -3.25 -20.39 3.03
N MET A 365 -2.60 -19.26 3.27
CA MET A 365 -2.49 -18.22 2.26
C MET A 365 -1.72 -18.68 1.05
N ILE A 366 -0.59 -19.38 1.26
CA ILE A 366 0.24 -19.80 0.13
C ILE A 366 -0.53 -20.73 -0.79
N ASP A 367 -1.25 -21.69 -0.22
CA ASP A 367 -2.08 -22.58 -1.00
C ASP A 367 -3.18 -21.81 -1.73
N ALA A 368 -3.85 -20.91 -1.02
CA ALA A 368 -4.91 -20.13 -1.65
C ALA A 368 -4.38 -19.29 -2.80
N ARG A 369 -3.17 -18.75 -2.65
CA ARG A 369 -2.61 -17.90 -3.70
C ARG A 369 -2.41 -18.69 -4.99
N MET A 370 -1.89 -19.91 -4.87
CA MET A 370 -1.73 -20.75 -6.05
C MET A 370 -3.07 -21.20 -6.61
N ALA A 371 -4.05 -21.42 -5.74
CA ALA A 371 -5.38 -21.78 -6.21
C ALA A 371 -5.98 -20.65 -7.04
N ILE A 372 -5.85 -19.41 -6.56
CA ILE A 372 -6.36 -18.26 -7.31
C ILE A 372 -5.67 -18.17 -8.66
N ALA A 373 -4.33 -18.27 -8.64
CA ALA A 373 -3.58 -18.19 -9.88
C ALA A 373 -4.03 -19.24 -10.87
N ALA A 374 -4.33 -20.44 -10.40
CA ALA A 374 -4.75 -21.53 -11.28
C ALA A 374 -6.21 -21.43 -11.65
N GLY A 375 -6.95 -20.48 -11.10
CA GLY A 375 -8.38 -20.42 -11.36
C GLY A 375 -9.14 -21.58 -10.76
N ALA A 376 -8.72 -22.06 -9.59
CA ALA A 376 -9.34 -23.23 -9.00
C ALA A 376 -10.77 -22.93 -8.62
N ARG A 377 -11.60 -23.96 -8.68
CA ARG A 377 -13.02 -23.90 -8.32
C ARG A 377 -13.25 -24.95 -7.22
N PRO A 378 -12.85 -24.66 -5.99
CA PRO A 378 -12.99 -25.66 -4.92
C PRO A 378 -14.46 -25.91 -4.58
N ASP A 379 -14.76 -27.12 -4.14
CA ASP A 379 -16.12 -27.45 -3.76
C ASP A 379 -16.38 -26.94 -2.34
N GLU A 380 -17.66 -27.00 -1.94
CA GLU A 380 -18.03 -26.41 -0.67
C GLU A 380 -17.31 -27.10 0.48
N ALA A 381 -17.15 -28.42 0.40
CA ALA A 381 -16.49 -29.14 1.48
C ALA A 381 -15.07 -28.64 1.69
N ALA A 382 -14.36 -28.33 0.60
CA ALA A 382 -12.97 -27.90 0.73
C ALA A 382 -12.91 -26.49 1.32
N LEU A 383 -13.78 -25.59 0.86
CA LEU A 383 -13.76 -24.23 1.36
C LEU A 383 -14.09 -24.17 2.84
N ARG A 384 -15.03 -24.98 3.31
CA ARG A 384 -15.46 -24.92 4.70
C ARG A 384 -14.43 -25.51 5.66
N ASP A 385 -13.50 -26.33 5.17
CA ASP A 385 -12.43 -26.86 6.02
C ASP A 385 -11.20 -25.99 5.85
N PRO A 386 -10.78 -25.23 6.86
CA PRO A 386 -9.64 -24.31 6.66
C PRO A 386 -8.36 -25.00 6.22
N GLN A 387 -8.14 -26.23 6.67
CA GLN A 387 -6.90 -26.92 6.36
C GLN A 387 -6.91 -27.55 4.98
N ALA A 388 -8.06 -27.61 4.30
CA ALA A 388 -8.13 -28.29 3.01
C ALA A 388 -7.32 -27.53 1.97
N LYS A 389 -6.55 -28.25 1.17
CA LYS A 389 -5.81 -27.61 0.10
C LYS A 389 -6.76 -27.25 -1.03
N LEU A 390 -6.69 -26.00 -1.49
CA LEU A 390 -7.50 -25.53 -2.60
C LEU A 390 -6.76 -25.51 -3.93
N ALA A 391 -5.44 -25.52 -3.92
CA ALA A 391 -4.65 -25.43 -5.14
C ALA A 391 -4.46 -26.80 -5.77
N PRO A 392 -4.35 -26.86 -7.09
CA PRO A 392 -3.97 -28.12 -7.75
C PRO A 392 -2.51 -28.43 -7.46
N PRO A 393 -2.10 -29.68 -7.55
CA PRO A 393 -0.67 -29.96 -7.38
C PRO A 393 0.17 -29.47 -8.56
#